data_3RE2
#
_entry.id   3RE2
#
_cell.length_a   89.881
_cell.length_b   89.881
_cell.length_c   115.601
_cell.angle_alpha   90.00
_cell.angle_beta   90.00
_cell.angle_gamma   90.00
#
_symmetry.space_group_name_H-M   'P 43 21 2'
#
loop_
_entity.id
_entity.type
_entity.pdbx_description
1 polymer 'Predicted protein'
2 non-polymer GLYCEROL
3 water water
#
_entity_poly.entity_id   1
_entity_poly.type   'polypeptide(L)'
_entity_poly.pdbx_seq_one_letter_code
;GPAMAGKSIPFPLKDIKSVVEVFRQELRNDQPNLAQLSIVLGFFESASTMKAGDTTSTPSLDEETFDALHCKFMALLQRD
FTFNAGGLPATREIVKNVADLVWGCLAKSYFKDRPHIQNLYSFLTGNRLDCFGVAFAVVAMCQALGYNDVHLALSEDHAW
VVFGKDKIETAEVTWHGKGNEDKRGKPVIYQDDDRCSWLYLNGNAVHCTRHMEVASIISSINPNINHTTDSIQLSQLQQE
LLWLLYDMGHIKTYPMAIANLGDLEEISPTPGRPPAEELFKEAITVAKREYSDHHIYPYTYLGGYYYRKKKYYEAIASWV
DAGYVAGKYNYSKDDEEMYKEFHEIANDLIPNILKDAVAKADPSGTGSTNLTSDPKFFALVLQFYDGICLWEEGSPTPVL
HADWAKKLVQSIGKFAPECRSAFNANTDTLSLRSAKMREMKNLITTSGKLNTSAMKLQLTAQSQVNVPKSRR
;
_entity_poly.pdbx_strand_id   A
#
# COMPACT_ATOMS: atom_id res chain seq x y z
N LYS A 7 11.33 27.67 -18.12
CA LYS A 7 12.32 27.56 -17.01
C LYS A 7 11.91 28.43 -15.79
N SER A 8 11.02 27.90 -14.93
CA SER A 8 10.53 28.67 -13.76
C SER A 8 11.16 28.30 -12.38
N ILE A 9 12.02 27.27 -12.33
CA ILE A 9 12.64 26.84 -11.05
C ILE A 9 13.82 27.71 -10.60
N PRO A 10 13.70 28.34 -9.41
CA PRO A 10 14.81 29.15 -8.92
C PRO A 10 15.91 28.30 -8.28
N PHE A 11 16.82 27.80 -9.09
CA PHE A 11 17.98 27.06 -8.58
C PHE A 11 18.99 27.96 -7.83
N PRO A 12 19.65 27.42 -6.80
CA PRO A 12 19.52 26.07 -6.23
C PRO A 12 18.32 25.87 -5.35
N LEU A 13 17.74 24.68 -5.39
CA LEU A 13 16.66 24.33 -4.50
C LEU A 13 17.32 23.80 -3.26
N LYS A 14 17.21 24.52 -2.16
CA LYS A 14 17.88 24.08 -0.95
C LYS A 14 17.06 24.28 0.31
N ASP A 15 15.75 24.30 0.15
CA ASP A 15 14.88 24.25 1.32
C ASP A 15 13.51 23.64 0.97
N ILE A 16 12.81 23.17 1.97
CA ILE A 16 11.52 22.53 1.80
C ILE A 16 10.55 23.48 1.12
N LYS A 17 10.50 24.73 1.58
CA LYS A 17 9.56 25.67 1.00
C LYS A 17 9.72 25.73 -0.54
N SER A 18 10.98 25.75 -1.03
CA SER A 18 11.23 25.84 -2.48
CA SER A 18 11.24 25.84 -2.48
C SER A 18 10.75 24.61 -3.23
N VAL A 19 10.92 23.44 -2.62
CA VAL A 19 10.45 22.19 -3.22
C VAL A 19 8.94 22.14 -3.30
N VAL A 20 8.26 22.51 -2.19
CA VAL A 20 6.78 22.58 -2.19
C VAL A 20 6.32 23.53 -3.31
N GLU A 21 7.03 24.64 -3.49
CA GLU A 21 6.64 25.60 -4.51
C GLU A 21 6.72 25.01 -5.95
N VAL A 22 7.74 24.18 -6.22
CA VAL A 22 7.82 23.50 -7.52
C VAL A 22 6.61 22.61 -7.71
N PHE A 23 6.24 21.86 -6.66
CA PHE A 23 5.05 21.03 -6.73
C PHE A 23 3.74 21.82 -6.87
N ARG A 24 3.64 22.91 -6.15
CA ARG A 24 2.50 23.75 -6.23
C ARG A 24 2.27 24.23 -7.67
N GLN A 25 3.33 24.73 -8.28
CA GLN A 25 3.21 25.21 -9.66
C GLN A 25 2.83 24.09 -10.66
N GLU A 26 3.53 22.96 -10.56
CA GLU A 26 3.27 21.86 -11.48
C GLU A 26 1.87 21.28 -11.33
N LEU A 27 1.37 21.22 -10.08
CA LEU A 27 0.03 20.66 -9.80
C LEU A 27 -1.11 21.50 -10.39
N ARG A 28 -0.86 22.79 -10.60
CA ARG A 28 -1.85 23.66 -11.25
C ARG A 28 -2.12 23.27 -12.70
N ASN A 29 -1.14 22.64 -13.35
CA ASN A 29 -1.22 22.33 -14.76
C ASN A 29 -1.99 21.04 -15.02
N ASP A 30 -2.58 20.90 -16.21
CA ASP A 30 -3.18 19.62 -16.61
C ASP A 30 -2.14 18.44 -16.66
N GLN A 31 -0.87 18.75 -16.95
CA GLN A 31 0.18 17.77 -17.18
C GLN A 31 1.33 18.14 -16.23
N PRO A 32 1.12 17.97 -14.92
CA PRO A 32 2.31 18.13 -14.06
C PRO A 32 3.44 17.25 -14.58
N ASN A 33 4.68 17.77 -14.58
CA ASN A 33 5.84 17.09 -15.17
C ASN A 33 6.32 15.96 -14.23
N LEU A 34 5.87 14.72 -14.52
CA LEU A 34 6.12 13.58 -13.65
C LEU A 34 7.65 13.29 -13.46
N ALA A 35 8.38 13.25 -14.56
CA ALA A 35 9.82 13.02 -14.51
C ALA A 35 10.51 14.06 -13.65
N GLN A 36 10.21 15.34 -13.89
CA GLN A 36 10.89 16.41 -13.21
C GLN A 36 10.64 16.31 -11.71
N LEU A 37 9.39 16.04 -11.33
CA LEU A 37 9.00 15.97 -9.96
C LEU A 37 9.63 14.78 -9.22
N SER A 38 9.74 13.65 -9.91
CA SER A 38 10.37 12.47 -9.34
C SER A 38 11.89 12.67 -9.13
N ILE A 39 12.54 13.31 -10.11
CA ILE A 39 13.96 13.62 -9.99
C ILE A 39 14.21 14.51 -8.77
N VAL A 40 13.42 15.56 -8.62
CA VAL A 40 13.57 16.51 -7.52
C VAL A 40 13.34 15.83 -6.18
N LEU A 41 12.26 15.10 -6.06
CA LEU A 41 11.99 14.41 -4.81
C LEU A 41 13.00 13.38 -4.48
N GLY A 42 13.43 12.66 -5.48
CA GLY A 42 14.42 11.63 -5.29
C GLY A 42 15.75 12.21 -4.84
N PHE A 43 16.14 13.35 -5.38
CA PHE A 43 17.39 13.99 -4.96
C PHE A 43 17.37 14.25 -3.47
N PHE A 44 16.26 14.85 -3.02
CA PHE A 44 16.11 15.23 -1.61
C PHE A 44 15.97 14.02 -0.71
N GLU A 45 15.30 12.97 -1.19
CA GLU A 45 15.20 11.77 -0.35
C GLU A 45 16.56 11.12 -0.19
N SER A 46 17.31 10.94 -1.28
CA SER A 46 18.65 10.38 -1.15
C SER A 46 19.53 11.21 -0.23
N ALA A 47 19.59 12.52 -0.39
CA ALA A 47 20.44 13.35 0.46
C ALA A 47 20.00 13.36 1.91
N SER A 48 18.70 13.40 2.17
CA SER A 48 18.18 13.46 3.54
C SER A 48 18.24 12.13 4.35
N THR A 49 18.32 10.99 3.66
CA THR A 49 18.26 9.71 4.36
C THR A 49 19.61 8.98 4.41
N MET A 50 20.66 9.66 3.98
CA MET A 50 22.05 9.19 4.08
C MET A 50 22.49 9.06 5.52
N THR A 58 23.71 20.63 4.22
CA THR A 58 22.40 21.00 3.62
C THR A 58 22.18 20.46 2.20
N PRO A 59 21.06 19.75 1.94
CA PRO A 59 20.80 19.33 0.57
C PRO A 59 20.43 20.48 -0.33
N SER A 60 21.14 20.58 -1.44
CA SER A 60 20.98 21.65 -2.36
C SER A 60 21.09 21.13 -3.81
N LEU A 61 20.01 21.27 -4.58
CA LEU A 61 20.01 20.77 -5.96
C LEU A 61 20.28 21.97 -6.89
N ASP A 62 21.44 21.98 -7.53
CA ASP A 62 21.77 23.09 -8.44
C ASP A 62 21.27 22.83 -9.87
N GLU A 63 21.33 23.86 -10.70
CA GLU A 63 20.75 23.81 -12.05
C GLU A 63 21.53 22.84 -12.96
N GLU A 64 22.86 22.82 -12.82
CA GLU A 64 23.72 21.91 -13.60
C GLU A 64 23.36 20.43 -13.36
N THR A 65 23.19 20.04 -12.10
CA THR A 65 22.84 18.70 -11.77
C THR A 65 21.43 18.38 -12.28
N PHE A 66 20.48 19.26 -12.01
CA PHE A 66 19.14 19.03 -12.51
C PHE A 66 19.10 18.87 -14.05
N ASP A 67 19.84 19.72 -14.77
CA ASP A 67 19.81 19.66 -16.23
C ASP A 67 20.46 18.37 -16.76
N ALA A 68 21.55 17.93 -16.15
CA ALA A 68 22.20 16.69 -16.52
C ALA A 68 21.31 15.46 -16.36
N LEU A 69 20.52 15.42 -15.29
CA LEU A 69 19.61 14.29 -15.06
C LEU A 69 18.49 14.30 -16.12
N HIS A 70 17.90 15.47 -16.36
CA HIS A 70 16.87 15.66 -17.41
C HIS A 70 17.43 15.23 -18.77
N CYS A 71 18.62 15.74 -19.10
N CYS A 71 18.62 15.70 -19.12
CA CYS A 71 19.31 15.36 -20.31
CA CYS A 71 19.23 15.34 -20.40
C CYS A 71 19.39 13.85 -20.45
C CYS A 71 19.52 13.84 -20.51
N LYS A 72 19.88 13.19 -19.40
CA LYS A 72 20.11 11.75 -19.42
C LYS A 72 18.75 11.02 -19.61
N PHE A 73 17.72 11.40 -18.85
CA PHE A 73 16.36 10.82 -19.02
C PHE A 73 15.86 10.93 -20.47
N MET A 74 15.91 12.13 -21.03
CA MET A 74 15.49 12.36 -22.42
C MET A 74 16.36 11.59 -23.43
N ALA A 75 17.65 11.54 -23.22
CA ALA A 75 18.52 10.82 -24.13
C ALA A 75 18.20 9.29 -24.18
N LEU A 76 17.80 8.71 -23.06
CA LEU A 76 17.41 7.30 -23.00
C LEU A 76 16.22 7.03 -23.92
N LEU A 77 15.26 7.96 -23.95
CA LEU A 77 14.08 7.84 -24.82
C LEU A 77 14.32 8.21 -26.29
N GLN A 78 15.12 9.25 -26.54
CA GLN A 78 15.43 9.76 -27.91
C GLN A 78 16.13 8.68 -28.77
N ARG A 79 16.77 7.71 -28.12
CA ARG A 79 17.41 6.59 -28.80
C ARG A 79 16.48 5.76 -29.73
N ASP A 80 15.41 5.15 -29.18
CA ASP A 80 14.48 4.32 -29.99
C ASP A 80 12.98 4.73 -29.97
N PHE A 81 12.62 5.90 -29.43
CA PHE A 81 11.23 6.32 -29.43
C PHE A 81 11.07 7.65 -30.15
N THR A 82 9.93 7.89 -30.74
CA THR A 82 9.64 9.21 -31.28
C THR A 82 8.38 9.77 -30.60
N PHE A 83 8.28 11.09 -30.55
CA PHE A 83 7.15 11.74 -29.85
C PHE A 83 5.84 11.41 -30.57
N ASN A 84 4.76 11.28 -29.81
CA ASN A 84 3.41 11.06 -30.33
C ASN A 84 2.81 12.29 -30.96
N ALA A 85 3.34 12.73 -32.08
CA ALA A 85 2.97 14.03 -32.59
C ALA A 85 1.45 14.13 -32.95
N GLY A 86 0.88 13.06 -33.45
CA GLY A 86 -0.56 13.07 -33.81
C GLY A 86 -1.54 12.85 -32.67
N GLY A 87 -1.05 12.62 -31.47
CA GLY A 87 -1.91 12.34 -30.33
C GLY A 87 -2.67 11.01 -30.42
N LEU A 88 -2.09 10.00 -31.06
CA LEU A 88 -2.67 8.69 -31.07
C LEU A 88 -2.63 8.03 -29.67
N PRO A 89 -3.51 7.06 -29.41
CA PRO A 89 -3.40 6.36 -28.15
C PRO A 89 -2.20 5.46 -28.16
N ALA A 90 -1.70 5.10 -26.99
CA ALA A 90 -0.63 4.14 -26.88
C ALA A 90 -1.17 2.78 -27.29
N THR A 91 -0.25 1.91 -27.71
CA THR A 91 -0.50 0.51 -28.04
C THR A 91 0.16 -0.37 -27.02
N ARG A 92 -0.25 -1.63 -26.97
CA ARG A 92 0.48 -2.65 -26.17
C ARG A 92 1.98 -2.71 -26.52
N GLU A 93 2.31 -2.71 -27.83
CA GLU A 93 3.72 -2.72 -28.27
C GLU A 93 4.54 -1.51 -27.70
N ILE A 94 3.96 -0.31 -27.74
CA ILE A 94 4.65 0.87 -27.28
C ILE A 94 4.89 0.75 -25.76
N VAL A 95 3.85 0.36 -25.03
CA VAL A 95 3.95 0.23 -23.60
C VAL A 95 5.00 -0.81 -23.21
N LYS A 96 4.96 -1.96 -23.84
CA LYS A 96 5.93 -3.03 -23.57
C LYS A 96 7.33 -2.54 -23.88
N ASN A 97 7.47 -1.83 -24.99
CA ASN A 97 8.77 -1.33 -25.41
C ASN A 97 9.34 -0.34 -24.38
N VAL A 98 8.49 0.49 -23.79
CA VAL A 98 8.93 1.43 -22.79
C VAL A 98 9.32 0.68 -21.51
N ALA A 99 8.52 -0.32 -21.13
CA ALA A 99 8.91 -1.13 -19.97
C ALA A 99 10.27 -1.84 -20.23
N ASP A 100 10.49 -2.34 -21.45
CA ASP A 100 11.72 -3.01 -21.80
C ASP A 100 12.92 -2.08 -21.68
N LEU A 101 12.73 -0.82 -22.07
CA LEU A 101 13.76 0.18 -21.90
C LEU A 101 14.11 0.33 -20.45
N VAL A 102 13.11 0.56 -19.60
CA VAL A 102 13.38 0.71 -18.17
C VAL A 102 14.12 -0.47 -17.60
N TRP A 103 13.55 -1.66 -17.81
CA TRP A 103 14.17 -2.86 -17.28
C TRP A 103 15.64 -3.03 -17.77
N GLY A 104 15.86 -2.75 -19.05
CA GLY A 104 17.16 -2.83 -19.67
C GLY A 104 18.18 -1.89 -19.10
N CYS A 105 17.78 -0.76 -18.52
CA CYS A 105 18.70 0.20 -17.94
C CYS A 105 19.10 -0.13 -16.51
N LEU A 106 18.39 -1.05 -15.86
CA LEU A 106 18.67 -1.33 -14.46
C LEU A 106 19.96 -2.12 -14.27
N ALA A 107 20.67 -1.82 -13.19
CA ALA A 107 21.86 -2.55 -12.79
C ALA A 107 21.45 -4.00 -12.47
N LYS A 108 22.34 -4.96 -12.66
CA LYS A 108 21.93 -6.36 -12.50
C LYS A 108 22.08 -6.87 -11.06
N SER A 109 22.87 -6.19 -10.23
CA SER A 109 23.26 -6.81 -8.97
C SER A 109 22.90 -6.09 -7.67
N TYR A 110 21.83 -5.38 -7.69
CA TYR A 110 21.43 -4.73 -6.46
C TYR A 110 20.20 -5.44 -5.92
N PHE A 111 19.95 -5.26 -4.64
CA PHE A 111 18.69 -5.76 -4.07
C PHE A 111 17.48 -4.88 -4.42
N LYS A 112 16.50 -5.53 -5.03
CA LYS A 112 15.33 -4.81 -5.52
C LYS A 112 14.47 -4.18 -4.46
N ASP A 113 14.52 -4.69 -3.26
CA ASP A 113 13.72 -4.14 -2.14
C ASP A 113 14.49 -3.20 -1.26
N ARG A 114 15.64 -2.69 -1.73
CA ARG A 114 16.31 -1.59 -1.01
C ARG A 114 15.33 -0.41 -0.88
N PRO A 115 15.49 0.37 0.16
CA PRO A 115 14.69 1.59 0.28
C PRO A 115 15.33 2.71 -0.50
N HIS A 116 14.55 3.76 -0.76
CA HIS A 116 15.07 5.00 -1.40
C HIS A 116 15.43 4.82 -2.87
N ILE A 117 14.88 3.82 -3.54
CA ILE A 117 15.14 3.57 -4.97
C ILE A 117 13.81 3.54 -5.72
N GLN A 118 12.87 4.37 -5.28
CA GLN A 118 11.51 4.43 -5.84
C GLN A 118 11.33 5.54 -6.85
N ASN A 119 12.38 6.31 -7.15
CA ASN A 119 12.21 7.56 -7.89
C ASN A 119 13.24 7.64 -9.03
N LEU A 120 13.05 8.57 -9.95
CA LEU A 120 13.90 8.70 -11.12
C LEU A 120 15.31 9.20 -10.81
N TYR A 121 15.53 9.88 -9.68
CA TYR A 121 16.88 10.21 -9.26
C TYR A 121 17.78 8.98 -9.13
N SER A 122 17.28 7.98 -8.41
CA SER A 122 17.94 6.70 -8.19
C SER A 122 18.16 5.98 -9.53
N PHE A 123 17.17 6.01 -10.38
CA PHE A 123 17.24 5.39 -11.71
C PHE A 123 18.36 6.00 -12.57
N LEU A 124 18.44 7.31 -12.55
CA LEU A 124 19.38 8.05 -13.41
C LEU A 124 20.77 8.14 -12.85
N THR A 125 20.92 8.09 -11.53
CA THR A 125 22.26 8.24 -10.97
C THR A 125 22.91 6.90 -10.72
N GLY A 126 22.14 5.91 -10.35
CA GLY A 126 22.72 4.59 -10.04
C GLY A 126 22.06 3.40 -10.71
N ASN A 127 21.17 3.64 -11.66
CA ASN A 127 20.48 2.55 -12.42
C ASN A 127 19.75 1.60 -11.50
N ARG A 128 19.18 2.14 -10.44
CA ARG A 128 18.40 1.33 -9.50
C ARG A 128 16.98 1.83 -9.36
N LEU A 129 16.05 0.88 -9.47
CA LEU A 129 14.63 1.10 -9.20
C LEU A 129 14.02 -0.11 -8.49
N ASP A 130 13.09 0.17 -7.58
CA ASP A 130 12.25 -0.88 -7.03
C ASP A 130 11.01 -1.11 -7.95
N CYS A 131 10.14 -2.07 -7.62
CA CYS A 131 9.08 -2.42 -8.54
C CYS A 131 8.09 -1.25 -8.77
N PHE A 132 7.76 -0.48 -7.72
CA PHE A 132 6.88 0.66 -7.93
C PHE A 132 7.55 1.72 -8.85
N GLY A 133 8.83 1.94 -8.60
CA GLY A 133 9.63 2.90 -9.36
C GLY A 133 9.61 2.63 -10.84
N VAL A 134 9.67 1.35 -11.20
CA VAL A 134 9.60 0.90 -12.61
C VAL A 134 8.30 1.29 -13.23
N ALA A 135 7.22 1.01 -12.53
CA ALA A 135 5.89 1.31 -13.07
C ALA A 135 5.69 2.81 -13.23
N PHE A 136 6.11 3.58 -12.23
CA PHE A 136 6.10 5.04 -12.32
C PHE A 136 6.93 5.54 -13.46
N ALA A 137 8.12 4.98 -13.62
CA ALA A 137 9.03 5.39 -14.68
C ALA A 137 8.37 5.23 -16.05
N VAL A 138 7.72 4.11 -16.26
CA VAL A 138 7.08 3.83 -17.51
C VAL A 138 6.05 4.91 -17.82
N VAL A 139 5.23 5.25 -16.82
CA VAL A 139 4.23 6.29 -17.00
C VAL A 139 4.87 7.65 -17.26
N ALA A 140 5.91 8.01 -16.55
CA ALA A 140 6.59 9.28 -16.74
C ALA A 140 7.25 9.41 -18.13
N MET A 141 7.79 8.31 -18.60
CA MET A 141 8.30 8.25 -19.98
C MET A 141 7.21 8.38 -21.04
N CYS A 142 6.08 7.71 -20.82
CA CYS A 142 4.93 7.83 -21.75
C CYS A 142 4.41 9.27 -21.81
N GLN A 143 4.32 9.92 -20.64
CA GLN A 143 4.03 11.34 -20.62
C GLN A 143 5.01 12.17 -21.47
N ALA A 144 6.31 11.93 -21.29
CA ALA A 144 7.33 12.65 -22.00
C ALA A 144 7.17 12.47 -23.51
N LEU A 145 6.69 11.32 -23.96
CA LEU A 145 6.50 10.97 -25.37
C LEU A 145 5.16 11.43 -25.90
N GLY A 146 4.32 11.99 -25.01
CA GLY A 146 3.05 12.55 -25.43
C GLY A 146 1.95 11.50 -25.49
N TYR A 147 2.15 10.38 -24.81
CA TYR A 147 1.06 9.36 -24.72
C TYR A 147 0.34 9.59 -23.45
N ASN A 148 -0.57 10.56 -23.44
CA ASN A 148 -1.18 10.96 -22.20
C ASN A 148 -2.43 10.17 -21.80
N ASP A 149 -2.70 9.12 -22.55
CA ASP A 149 -3.68 8.09 -22.19
C ASP A 149 -3.08 7.06 -21.23
N VAL A 150 -1.77 7.03 -21.10
CA VAL A 150 -1.09 6.03 -20.23
C VAL A 150 -1.07 6.50 -18.78
N HIS A 151 -1.64 5.68 -17.90
CA HIS A 151 -1.76 6.02 -16.50
C HIS A 151 -1.37 4.89 -15.59
N LEU A 152 -0.99 5.28 -14.39
CA LEU A 152 -0.67 4.32 -13.36
C LEU A 152 -1.95 3.74 -12.73
N ALA A 153 -1.95 2.42 -12.53
CA ALA A 153 -2.95 1.74 -11.73
C ALA A 153 -2.26 1.13 -10.51
N LEU A 154 -2.85 1.33 -9.31
CA LEU A 154 -2.19 0.92 -8.09
C LEU A 154 -3.12 0.05 -7.25
N SER A 155 -2.65 -1.09 -6.81
CA SER A 155 -3.37 -1.85 -5.79
C SER A 155 -2.67 -1.50 -4.48
N GLU A 156 -2.82 -2.36 -3.47
CA GLU A 156 -2.22 -2.11 -2.20
C GLU A 156 -0.81 -2.64 -2.15
N ASP A 157 -0.44 -3.49 -3.08
CA ASP A 157 0.94 -3.96 -3.16
C ASP A 157 1.43 -4.27 -4.53
N HIS A 158 0.82 -3.67 -5.57
CA HIS A 158 1.30 -3.87 -6.93
C HIS A 158 0.90 -2.63 -7.75
N ALA A 159 1.49 -2.52 -8.93
CA ALA A 159 1.24 -1.41 -9.87
C ALA A 159 1.27 -1.93 -11.29
N TRP A 160 0.49 -1.29 -12.17
CA TRP A 160 0.52 -1.64 -13.56
C TRP A 160 0.08 -0.43 -14.32
N VAL A 161 -0.09 -0.54 -15.62
CA VAL A 161 -0.61 0.60 -16.39
C VAL A 161 -1.91 0.32 -17.14
N VAL A 162 -2.67 1.40 -17.34
CA VAL A 162 -3.80 1.41 -18.23
C VAL A 162 -3.51 2.40 -19.36
N PHE A 163 -4.11 2.15 -20.52
CA PHE A 163 -3.88 2.96 -21.68
C PHE A 163 -5.04 2.78 -22.63
N GLY A 164 -5.04 3.59 -23.68
CA GLY A 164 -6.05 3.48 -24.73
C GLY A 164 -7.05 4.61 -24.57
N LYS A 165 -7.82 4.82 -25.59
CA LYS A 165 -8.82 5.87 -25.55
C LYS A 165 -10.19 5.27 -25.79
N ASP A 166 -10.39 4.67 -26.92
CA ASP A 166 -11.75 4.18 -27.19
C ASP A 166 -12.00 2.90 -26.37
N LYS A 167 -10.99 2.05 -26.27
CA LYS A 167 -11.08 0.85 -25.47
C LYS A 167 -9.93 0.95 -24.48
N ILE A 168 -10.24 0.99 -23.20
CA ILE A 168 -9.20 1.00 -22.18
C ILE A 168 -8.59 -0.38 -22.13
N GLU A 169 -7.28 -0.43 -22.11
CA GLU A 169 -6.53 -1.67 -22.06
C GLU A 169 -5.55 -1.60 -20.86
N THR A 170 -4.93 -2.73 -20.53
CA THR A 170 -4.05 -2.81 -19.34
C THR A 170 -2.81 -3.53 -19.77
N ALA A 171 -1.70 -3.23 -19.11
CA ALA A 171 -0.49 -3.98 -19.25
C ALA A 171 0.31 -4.04 -17.96
N GLU A 172 0.88 -5.21 -17.71
CA GLU A 172 1.87 -5.38 -16.70
C GLU A 172 3.14 -4.75 -17.20
N VAL A 173 3.86 -4.03 -16.33
CA VAL A 173 5.12 -3.39 -16.67
C VAL A 173 6.22 -3.60 -15.62
N THR A 174 5.89 -4.16 -14.47
CA THR A 174 6.89 -4.32 -13.41
C THR A 174 6.77 -5.70 -12.79
N TRP A 175 7.67 -6.03 -11.88
CA TRP A 175 7.68 -7.36 -11.26
C TRP A 175 6.98 -7.22 -9.94
N HIS A 176 6.70 -8.38 -9.36
CA HIS A 176 6.25 -8.44 -7.99
C HIS A 176 6.96 -9.56 -7.25
N GLY A 177 7.29 -9.29 -5.99
CA GLY A 177 7.96 -10.29 -5.17
C GLY A 177 9.33 -10.56 -5.74
N LYS A 178 9.69 -11.81 -5.89
CA LYS A 178 11.04 -12.06 -6.39
C LYS A 178 11.15 -11.86 -7.91
N GLY A 179 10.03 -11.56 -8.57
CA GLY A 179 10.03 -11.34 -10.03
C GLY A 179 10.39 -12.57 -10.84
N ASN A 180 9.99 -13.74 -10.36
CA ASN A 180 10.33 -14.98 -11.06
C ASN A 180 9.50 -15.13 -12.31
N GLU A 181 8.41 -14.38 -12.38
CA GLU A 181 7.54 -14.42 -13.53
C GLU A 181 7.56 -13.07 -14.25
N ASP A 182 7.97 -13.10 -15.51
CA ASP A 182 8.07 -11.91 -16.35
C ASP A 182 6.78 -11.78 -17.18
N LYS A 183 6.05 -10.73 -16.89
CA LYS A 183 4.72 -10.51 -17.44
C LYS A 183 4.66 -9.21 -18.29
N ARG A 184 5.82 -8.67 -18.65
CA ARG A 184 5.89 -7.39 -19.37
C ARG A 184 5.00 -7.40 -20.60
N GLY A 185 4.05 -6.48 -20.62
CA GLY A 185 3.23 -6.27 -21.75
C GLY A 185 1.95 -7.06 -21.71
N LYS A 186 1.81 -7.97 -20.75
CA LYS A 186 0.64 -8.81 -20.69
C LYS A 186 -0.53 -8.12 -20.06
N PRO A 187 -1.76 -8.50 -20.46
CA PRO A 187 -2.94 -7.89 -19.87
C PRO A 187 -3.08 -8.23 -18.40
N VAL A 188 -3.53 -7.27 -17.62
N VAL A 188 -3.73 -7.36 -17.58
CA VAL A 188 -4.09 -7.58 -16.39
CA VAL A 188 -3.79 -7.43 -16.07
C VAL A 188 -5.51 -7.97 -16.80
C VAL A 188 -5.07 -8.00 -15.38
N ILE A 189 -5.82 -9.25 -16.75
N ILE A 189 -4.99 -9.23 -14.83
CA ILE A 189 -7.18 -9.68 -16.99
CA ILE A 189 -6.21 -9.92 -14.38
C ILE A 189 -7.76 -10.32 -15.76
C ILE A 189 -6.32 -10.00 -12.86
N TYR A 190 -9.04 -10.05 -15.53
N TYR A 190 -7.55 -9.88 -12.38
CA TYR A 190 -9.71 -10.68 -14.46
CA TYR A 190 -7.79 -9.78 -10.95
C TYR A 190 -10.32 -11.98 -14.93
C TYR A 190 -8.42 -11.06 -10.44
N GLN A 191 -9.62 -13.02 -14.48
N GLN A 191 -8.70 -11.94 -11.37
CA GLN A 191 -9.78 -14.39 -14.81
CA GLN A 191 -9.10 -13.27 -11.03
C GLN A 191 -8.80 -15.05 -13.81
C GLN A 191 -8.59 -14.23 -12.10
N ASP A 192 -8.36 -16.28 -14.08
N ASP A 192 -8.08 -15.36 -11.62
CA ASP A 192 -7.74 -17.12 -13.07
CA ASP A 192 -7.88 -16.56 -12.38
C ASP A 192 -8.84 -17.53 -12.07
C ASP A 192 -9.01 -17.36 -11.76
N ASP A 193 -10.01 -17.83 -12.64
N ASP A 193 -9.98 -17.77 -12.56
CA ASP A 193 -11.31 -17.98 -11.94
CA ASP A 193 -11.34 -18.12 -12.06
C ASP A 193 -11.33 -18.78 -10.65
C ASP A 193 -11.44 -18.92 -10.77
N ASP A 194 -10.47 -19.77 -10.52
CA ASP A 194 -10.37 -20.37 -9.19
C ASP A 194 -10.16 -19.20 -8.14
N ARG A 195 -9.25 -18.24 -8.44
CA ARG A 195 -8.54 -17.43 -7.43
C ARG A 195 -8.62 -15.91 -7.60
N CYS A 196 -9.07 -15.28 -6.53
CA CYS A 196 -9.23 -13.87 -6.49
C CYS A 196 -8.10 -13.33 -5.60
N SER A 197 -7.12 -12.70 -6.20
CA SER A 197 -5.90 -12.27 -5.51
C SER A 197 -6.05 -10.86 -4.93
N TRP A 198 -5.64 -10.72 -3.67
CA TRP A 198 -5.56 -9.39 -3.01
C TRP A 198 -4.73 -8.41 -3.81
N LEU A 199 -3.71 -8.92 -4.52
CA LEU A 199 -2.82 -8.03 -5.30
C LEU A 199 -3.54 -7.27 -6.36
N TYR A 200 -4.64 -7.79 -6.86
CA TYR A 200 -5.38 -7.08 -7.91
C TYR A 200 -6.74 -6.54 -7.46
N LEU A 201 -7.05 -6.73 -6.16
CA LEU A 201 -8.20 -6.08 -5.52
C LEU A 201 -9.56 -6.35 -6.16
N ASN A 202 -9.70 -7.49 -6.84
CA ASN A 202 -10.90 -7.85 -7.57
C ASN A 202 -11.39 -6.71 -8.46
N GLY A 203 -10.46 -5.97 -9.09
CA GLY A 203 -10.83 -4.91 -9.97
C GLY A 203 -11.02 -3.53 -9.31
N ASN A 204 -10.69 -3.41 -8.01
CA ASN A 204 -10.89 -2.15 -7.26
C ASN A 204 -9.55 -1.41 -6.98
N ALA A 205 -8.69 -1.38 -7.99
CA ALA A 205 -7.47 -0.63 -7.97
C ALA A 205 -7.70 0.86 -8.15
N VAL A 206 -6.72 1.63 -7.68
CA VAL A 206 -6.74 3.06 -7.81
C VAL A 206 -6.25 3.40 -9.22
N HIS A 207 -7.09 4.03 -10.02
CA HIS A 207 -6.67 4.48 -11.36
C HIS A 207 -6.33 5.93 -11.33
N CYS A 208 -5.07 6.25 -11.57
CA CYS A 208 -4.58 7.59 -11.34
C CYS A 208 -4.86 8.52 -12.50
N THR A 209 -5.23 9.75 -12.16
CA THR A 209 -5.06 10.91 -13.03
C THR A 209 -3.58 11.30 -12.92
N ARG A 210 -3.13 12.28 -13.72
CA ARG A 210 -1.77 12.78 -13.56
C ARG A 210 -1.50 13.32 -12.16
N HIS A 211 -2.50 13.98 -11.58
CA HIS A 211 -2.35 14.55 -10.25
C HIS A 211 -2.23 13.46 -9.18
N MET A 212 -2.95 12.37 -9.37
CA MET A 212 -2.78 11.21 -8.52
C MET A 212 -1.43 10.47 -8.70
N GLU A 213 -0.85 10.51 -9.88
CA GLU A 213 0.46 9.95 -10.07
C GLU A 213 1.46 10.80 -9.31
N VAL A 214 1.30 12.12 -9.32
CA VAL A 214 2.12 12.99 -8.43
C VAL A 214 1.90 12.59 -6.96
N ALA A 215 0.65 12.38 -6.57
CA ALA A 215 0.36 11.92 -5.22
C ALA A 215 1.08 10.59 -4.88
N SER A 216 1.13 9.63 -5.82
CA SER A 216 1.78 8.35 -5.59
C SER A 216 3.27 8.51 -5.22
N ILE A 217 3.96 9.45 -5.84
CA ILE A 217 5.38 9.59 -5.52
C ILE A 217 5.57 10.32 -4.18
N ILE A 218 4.63 11.17 -3.82
CA ILE A 218 4.66 11.85 -2.52
C ILE A 218 4.33 10.85 -1.44
N SER A 219 3.30 10.07 -1.71
CA SER A 219 2.87 9.03 -0.77
C SER A 219 3.98 8.02 -0.58
N SER A 220 4.78 7.73 -1.59
CA SER A 220 5.85 6.75 -1.43
C SER A 220 7.21 7.27 -0.88
N ILE A 221 7.26 8.53 -0.51
CA ILE A 221 8.44 9.14 0.12
C ILE A 221 8.72 8.27 1.34
N ASN A 222 9.99 7.94 1.53
CA ASN A 222 10.40 7.14 2.63
C ASN A 222 11.40 7.89 3.49
N PRO A 223 10.94 8.51 4.60
CA PRO A 223 11.81 9.24 5.53
C PRO A 223 12.77 8.42 6.42
N ASN A 224 12.70 7.10 6.38
CA ASN A 224 13.52 6.23 7.20
C ASN A 224 15.02 6.44 6.95
N ILE A 225 15.76 6.75 8.00
CA ILE A 225 17.23 6.69 7.99
C ILE A 225 17.64 5.31 8.55
N ASN A 226 17.12 4.99 9.74
CA ASN A 226 17.24 3.63 10.34
C ASN A 226 15.95 3.22 11.09
N HIS A 227 15.95 2.07 11.76
CA HIS A 227 14.72 1.58 12.39
C HIS A 227 14.12 2.54 13.42
N THR A 228 14.95 3.30 14.11
CA THR A 228 14.48 4.21 15.14
C THR A 228 14.58 5.69 14.74
N THR A 229 15.07 6.00 13.53
CA THR A 229 15.27 7.40 13.12
C THR A 229 14.74 7.70 11.75
N ASP A 230 13.89 8.70 11.62
CA ASP A 230 13.46 9.23 10.33
C ASP A 230 14.06 10.62 10.15
N SER A 231 14.17 11.06 8.89
CA SER A 231 14.55 12.44 8.54
C SER A 231 13.37 13.32 8.88
N ILE A 232 13.54 14.22 9.84
CA ILE A 232 12.44 15.13 10.18
C ILE A 232 12.10 16.04 8.97
N GLN A 233 13.14 16.49 8.26
CA GLN A 233 12.99 17.40 7.11
C GLN A 233 12.21 16.76 5.97
N LEU A 234 12.55 15.54 5.63
CA LEU A 234 11.82 14.79 4.63
C LEU A 234 10.38 14.43 5.09
N SER A 235 10.19 14.03 6.36
CA SER A 235 8.83 13.81 6.88
C SER A 235 8.00 15.07 6.77
N GLN A 236 8.58 16.21 7.15
CA GLN A 236 7.89 17.51 7.02
C GLN A 236 7.52 17.84 5.54
N LEU A 237 8.48 17.61 4.63
CA LEU A 237 8.21 17.78 3.21
C LEU A 237 7.06 16.88 2.76
N GLN A 238 7.11 15.59 3.11
CA GLN A 238 6.04 14.70 2.71
C GLN A 238 4.70 15.17 3.31
N GLN A 239 4.71 15.58 4.60
CA GLN A 239 3.42 15.93 5.25
C GLN A 239 2.87 17.19 4.52
N GLU A 240 3.77 18.13 4.23
CA GLU A 240 3.31 19.37 3.61
C GLU A 240 2.76 19.13 2.19
N LEU A 241 3.40 18.23 1.45
CA LEU A 241 2.99 17.93 0.11
C LEU A 241 1.67 17.16 0.14
N LEU A 242 1.48 16.27 1.10
CA LEU A 242 0.21 15.55 1.16
C LEU A 242 -0.96 16.51 1.45
N TRP A 243 -0.74 17.47 2.35
CA TRP A 243 -1.75 18.50 2.61
C TRP A 243 -2.07 19.32 1.40
N LEU A 244 -1.06 19.62 0.60
CA LEU A 244 -1.29 20.32 -0.67
C LEU A 244 -2.18 19.53 -1.60
N LEU A 245 -1.88 18.25 -1.80
CA LEU A 245 -2.68 17.38 -2.61
C LEU A 245 -4.11 17.30 -2.04
N TYR A 246 -4.18 17.14 -0.72
CA TYR A 246 -5.49 17.05 -0.03
C TYR A 246 -6.29 18.29 -0.29
N ASP A 247 -5.69 19.46 -0.03
CA ASP A 247 -6.43 20.71 -0.15
C ASP A 247 -6.87 21.01 -1.60
N MET A 248 -6.12 20.55 -2.59
CA MET A 248 -6.51 20.86 -3.93
CA MET A 248 -6.40 20.76 -3.99
C MET A 248 -7.35 19.72 -4.55
N GLY A 249 -7.76 18.74 -3.74
CA GLY A 249 -8.70 17.71 -4.19
C GLY A 249 -8.07 16.53 -4.95
N HIS A 250 -6.76 16.43 -4.95
CA HIS A 250 -6.13 15.39 -5.76
C HIS A 250 -6.02 14.00 -5.12
N ILE A 251 -6.34 13.84 -3.82
CA ILE A 251 -6.28 12.51 -3.17
C ILE A 251 -7.65 12.12 -2.60
N LYS A 252 -8.72 12.69 -3.15
CA LYS A 252 -10.09 12.38 -2.74
C LYS A 252 -10.44 10.95 -2.95
N THR A 253 -9.86 10.30 -3.94
CA THR A 253 -10.09 8.89 -4.24
C THR A 253 -8.86 7.98 -4.01
N TYR A 254 -7.98 8.37 -3.10
CA TYR A 254 -6.72 7.68 -2.95
C TYR A 254 -6.53 7.30 -1.48
N PRO A 255 -7.05 6.14 -1.08
CA PRO A 255 -7.00 5.85 0.37
C PRO A 255 -5.61 5.81 1.02
N MET A 256 -4.62 5.21 0.38
N MET A 256 -4.62 5.21 0.38
CA MET A 256 -3.31 5.06 1.03
CA MET A 256 -3.30 5.08 1.01
C MET A 256 -2.62 6.44 1.22
C MET A 256 -2.61 6.44 1.21
N ALA A 257 -2.89 7.40 0.32
CA ALA A 257 -2.30 8.72 0.44
C ALA A 257 -2.93 9.42 1.67
N ILE A 258 -4.25 9.26 1.81
CA ILE A 258 -4.96 9.83 2.98
C ILE A 258 -4.50 9.17 4.28
N ALA A 259 -4.36 7.85 4.27
CA ALA A 259 -3.90 7.12 5.44
C ALA A 259 -2.46 7.46 5.78
N ASN A 260 -1.58 7.63 4.78
CA ASN A 260 -0.21 8.03 5.08
C ASN A 260 -0.15 9.41 5.72
N LEU A 261 -1.03 10.30 5.29
CA LEU A 261 -1.18 11.61 5.94
C LEU A 261 -1.66 11.46 7.40
N GLY A 262 -2.63 10.56 7.64
CA GLY A 262 -3.07 10.22 8.98
C GLY A 262 -1.90 9.82 9.88
N ASP A 263 -1.02 8.98 9.36
CA ASP A 263 0.16 8.54 10.09
C ASP A 263 1.08 9.68 10.46
N LEU A 264 1.28 10.58 9.51
CA LEU A 264 2.09 11.76 9.76
C LEU A 264 1.46 12.70 10.82
N GLU A 265 0.15 12.90 10.74
CA GLU A 265 -0.54 13.74 11.68
C GLU A 265 -0.62 13.13 13.09
N GLU A 266 -0.68 11.78 13.17
CA GLU A 266 -0.65 11.11 14.48
C GLU A 266 0.63 11.52 15.20
N ILE A 267 1.72 11.56 14.47
CA ILE A 267 3.03 11.80 15.07
C ILE A 267 3.27 13.30 15.30
N SER A 268 2.84 14.12 14.34
CA SER A 268 3.08 15.52 14.44
C SER A 268 1.83 16.29 14.00
N PRO A 269 0.91 16.53 14.95
CA PRO A 269 -0.38 17.08 14.47
C PRO A 269 -0.25 18.52 14.00
N THR A 270 -0.91 18.86 12.90
CA THR A 270 -0.81 20.19 12.35
C THR A 270 -1.97 21.03 12.91
N PRO A 271 -1.68 22.20 13.51
CA PRO A 271 -2.80 23.08 13.97
C PRO A 271 -3.83 23.37 12.91
N GLY A 272 -5.10 23.31 13.29
CA GLY A 272 -6.20 23.59 12.38
C GLY A 272 -6.64 22.45 11.48
N ARG A 273 -5.95 21.32 11.55
CA ARG A 273 -6.28 20.19 10.70
C ARG A 273 -7.10 19.18 11.44
N PRO A 274 -7.85 18.33 10.71
CA PRO A 274 -8.55 17.25 11.42
C PRO A 274 -7.62 16.28 12.19
N PRO A 275 -8.11 15.70 13.30
CA PRO A 275 -7.40 14.63 14.01
C PRO A 275 -7.03 13.49 13.08
N ALA A 276 -5.87 12.85 13.33
CA ALA A 276 -5.45 11.66 12.60
C ALA A 276 -6.58 10.62 12.46
N GLU A 277 -7.32 10.38 13.52
CA GLU A 277 -8.41 9.37 13.52
C GLU A 277 -9.41 9.69 12.43
N GLU A 278 -9.74 10.96 12.23
CA GLU A 278 -10.72 11.29 11.20
CA GLU A 278 -10.70 11.35 11.20
C GLU A 278 -10.16 11.07 9.80
N LEU A 279 -8.85 11.27 9.63
CA LEU A 279 -8.21 11.00 8.35
C LEU A 279 -8.20 9.50 8.07
N PHE A 280 -7.86 8.69 9.05
CA PHE A 280 -8.01 7.24 8.86
C PHE A 280 -9.43 6.81 8.46
N LYS A 281 -10.42 7.36 9.15
CA LYS A 281 -11.84 7.07 8.85
C LYS A 281 -12.20 7.57 7.48
N GLU A 282 -11.67 8.73 7.07
CA GLU A 282 -11.86 9.18 5.70
C GLU A 282 -11.36 8.19 4.66
N ALA A 283 -10.17 7.60 4.89
CA ALA A 283 -9.63 6.65 3.92
C ALA A 283 -10.53 5.42 3.80
N ILE A 284 -11.06 4.97 4.94
CA ILE A 284 -12.04 3.89 4.96
C ILE A 284 -13.31 4.26 4.17
N THR A 285 -13.81 5.46 4.38
CA THR A 285 -15.03 5.90 3.71
C THR A 285 -14.81 5.89 2.20
N VAL A 286 -13.64 6.39 1.80
CA VAL A 286 -13.26 6.37 0.39
C VAL A 286 -13.24 4.93 -0.17
N ALA A 287 -12.55 4.04 0.54
CA ALA A 287 -12.52 2.61 0.17
C ALA A 287 -13.93 1.98 0.00
N LYS A 288 -14.83 2.32 0.91
CA LYS A 288 -16.17 1.73 0.91
C LYS A 288 -16.93 2.31 -0.24
N ARG A 289 -16.77 3.60 -0.45
CA ARG A 289 -17.57 4.28 -1.44
C ARG A 289 -17.12 4.08 -2.86
N GLU A 290 -15.81 4.11 -3.08
CA GLU A 290 -15.23 4.02 -4.43
C GLU A 290 -14.66 2.68 -4.84
N TYR A 291 -14.30 1.85 -3.86
CA TYR A 291 -13.53 0.63 -4.14
C TYR A 291 -14.20 -0.61 -3.58
N SER A 292 -15.55 -0.61 -3.58
CA SER A 292 -16.40 -1.74 -3.13
C SER A 292 -15.95 -2.36 -1.81
N ASP A 293 -15.41 -1.53 -0.91
CA ASP A 293 -14.87 -1.99 0.39
C ASP A 293 -13.92 -3.23 0.26
N HIS A 294 -13.06 -3.15 -0.74
CA HIS A 294 -12.13 -4.23 -1.07
C HIS A 294 -10.65 -3.95 -0.68
N HIS A 295 -10.40 -2.82 0.02
CA HIS A 295 -9.08 -2.47 0.50
C HIS A 295 -8.88 -2.88 1.93
N ILE A 296 -7.71 -3.42 2.24
CA ILE A 296 -7.45 -3.90 3.57
C ILE A 296 -6.72 -2.86 4.41
N TYR A 297 -5.77 -2.16 3.81
CA TYR A 297 -4.90 -1.31 4.62
C TYR A 297 -5.61 -0.20 5.38
N PRO A 298 -6.70 0.35 4.84
CA PRO A 298 -7.29 1.42 5.62
C PRO A 298 -7.75 0.95 7.01
N TYR A 299 -8.18 -0.32 7.10
CA TYR A 299 -8.55 -0.90 8.38
C TYR A 299 -7.35 -1.19 9.24
N THR A 300 -6.23 -1.63 8.67
CA THR A 300 -5.03 -1.89 9.49
C THR A 300 -4.28 -0.63 9.89
N TYR A 301 -4.31 0.42 9.09
CA TYR A 301 -3.83 1.71 9.54
C TYR A 301 -4.62 2.20 10.75
N LEU A 302 -5.95 2.09 10.70
CA LEU A 302 -6.77 2.63 11.80
C LEU A 302 -6.62 1.76 13.04
N GLY A 303 -6.64 0.44 12.82
CA GLY A 303 -6.39 -0.52 13.89
C GLY A 303 -5.10 -0.29 14.61
N GLY A 304 -4.04 0.02 13.87
CA GLY A 304 -2.73 0.30 14.43
C GLY A 304 -2.71 1.55 15.28
N TYR A 305 -3.36 2.58 14.75
CA TYR A 305 -3.58 3.81 15.48
C TYR A 305 -4.25 3.51 16.81
N TYR A 306 -5.39 2.81 16.76
CA TYR A 306 -6.10 2.53 18.02
C TYR A 306 -5.24 1.74 19.01
N TYR A 307 -4.51 0.77 18.49
CA TYR A 307 -3.58 -0.01 19.29
C TYR A 307 -2.57 0.86 20.02
N ARG A 308 -1.95 1.78 19.29
CA ARG A 308 -0.96 2.65 19.91
C ARG A 308 -1.60 3.63 20.88
N LYS A 309 -2.87 3.95 20.69
CA LYS A 309 -3.60 4.78 21.69
C LYS A 309 -4.18 3.96 22.88
N LYS A 310 -3.96 2.64 22.89
CA LYS A 310 -4.53 1.71 23.88
C LYS A 310 -6.06 1.68 23.86
N LYS A 311 -6.64 2.02 22.72
CA LYS A 311 -8.10 1.87 22.45
C LYS A 311 -8.36 0.45 21.88
N TYR A 312 -8.36 -0.55 22.77
CA TYR A 312 -8.28 -1.94 22.35
C TYR A 312 -9.59 -2.50 21.78
N TYR A 313 -10.76 -2.09 22.31
CA TYR A 313 -12.05 -2.40 21.65
C TYR A 313 -12.09 -1.90 20.19
N GLU A 314 -11.63 -0.67 20.00
CA GLU A 314 -11.65 -0.07 18.67
C GLU A 314 -10.61 -0.73 17.76
N ALA A 315 -9.44 -1.07 18.31
CA ALA A 315 -8.42 -1.68 17.55
C ALA A 315 -8.88 -3.05 16.97
N ILE A 316 -9.38 -3.94 17.83
CA ILE A 316 -9.80 -5.25 17.40
C ILE A 316 -10.99 -5.14 16.44
N ALA A 317 -11.92 -4.23 16.65
CA ALA A 317 -13.05 -4.08 15.71
C ALA A 317 -12.50 -3.74 14.30
N SER A 318 -11.49 -2.88 14.26
CA SER A 318 -10.91 -2.48 12.97
C SER A 318 -10.14 -3.63 12.33
N TRP A 319 -9.44 -4.39 13.14
CA TRP A 319 -8.72 -5.58 12.62
C TRP A 319 -9.71 -6.64 12.12
N VAL A 320 -10.89 -6.70 12.69
CA VAL A 320 -11.93 -7.63 12.24
C VAL A 320 -12.46 -7.19 10.88
N ASP A 321 -12.63 -5.88 10.72
CA ASP A 321 -13.00 -5.32 9.42
C ASP A 321 -11.94 -5.74 8.39
N ALA A 322 -10.67 -5.62 8.76
CA ALA A 322 -9.58 -5.96 7.86
C ALA A 322 -9.65 -7.43 7.49
N GLY A 323 -9.86 -8.29 8.47
CA GLY A 323 -9.93 -9.72 8.23
C GLY A 323 -11.06 -10.13 7.32
N TYR A 324 -12.19 -9.47 7.48
CA TYR A 324 -13.32 -9.84 6.63
C TYR A 324 -13.15 -9.29 5.22
N VAL A 325 -12.41 -8.20 5.06
CA VAL A 325 -11.99 -7.82 3.70
C VAL A 325 -11.02 -8.86 3.10
N ALA A 326 -10.02 -9.28 3.86
CA ALA A 326 -9.10 -10.32 3.44
C ALA A 326 -9.89 -11.58 3.00
N GLY A 327 -10.96 -11.87 3.70
CA GLY A 327 -11.85 -12.98 3.43
C GLY A 327 -12.61 -12.92 2.14
N LYS A 328 -12.62 -11.75 1.48
CA LYS A 328 -13.13 -11.61 0.13
C LYS A 328 -12.22 -12.22 -0.92
N TYR A 329 -11.01 -12.56 -0.53
CA TYR A 329 -9.95 -12.99 -1.43
C TYR A 329 -9.57 -14.42 -1.10
N ASN A 330 -8.74 -14.98 -1.98
CA ASN A 330 -8.12 -16.28 -1.80
C ASN A 330 -6.61 -16.12 -1.65
N TYR A 331 -6.10 -16.53 -0.50
CA TYR A 331 -4.69 -16.34 -0.21
C TYR A 331 -3.77 -17.06 -1.19
N SER A 332 -2.71 -16.38 -1.60
CA SER A 332 -1.51 -16.97 -2.23
C SER A 332 -0.23 -16.43 -1.63
N LYS A 333 0.87 -17.14 -1.89
CA LYS A 333 2.18 -16.74 -1.36
C LYS A 333 2.56 -15.34 -1.87
N ASP A 334 1.99 -14.94 -3.03
CA ASP A 334 2.00 -13.57 -3.58
C ASP A 334 1.59 -12.46 -2.58
N ASP A 335 0.80 -12.85 -1.59
CA ASP A 335 0.21 -11.91 -0.65
C ASP A 335 1.10 -11.66 0.57
N GLU A 336 2.37 -11.98 0.45
CA GLU A 336 3.26 -11.96 1.61
C GLU A 336 3.22 -10.66 2.43
N GLU A 337 3.14 -9.48 1.83
CA GLU A 337 3.02 -8.26 2.64
C GLU A 337 1.78 -8.24 3.57
N MET A 338 0.65 -8.74 3.08
CA MET A 338 -0.53 -8.75 3.93
C MET A 338 -0.42 -9.86 4.96
N TYR A 339 0.16 -11.01 4.57
CA TYR A 339 0.49 -12.05 5.50
C TYR A 339 1.25 -11.55 6.70
N LYS A 340 2.34 -10.82 6.46
CA LYS A 340 3.16 -10.22 7.53
C LYS A 340 2.36 -9.31 8.47
N GLU A 341 1.48 -8.49 7.91
CA GLU A 341 0.68 -7.58 8.72
C GLU A 341 -0.23 -8.39 9.68
N PHE A 342 -0.96 -9.36 9.13
CA PHE A 342 -1.83 -10.20 9.94
C PHE A 342 -1.07 -11.11 10.92
N HIS A 343 0.10 -11.57 10.51
CA HIS A 343 0.91 -12.38 11.37
C HIS A 343 1.27 -11.58 12.62
N GLU A 344 1.64 -10.31 12.46
CA GLU A 344 2.00 -9.46 13.60
C GLU A 344 0.80 -9.18 14.50
N ILE A 345 -0.32 -8.81 13.92
CA ILE A 345 -1.54 -8.64 14.68
C ILE A 345 -1.89 -9.90 15.51
N ALA A 346 -1.92 -11.06 14.87
CA ALA A 346 -2.32 -12.28 15.53
C ALA A 346 -1.33 -12.72 16.58
N ASN A 347 -0.05 -12.65 16.25
CA ASN A 347 0.95 -13.27 17.10
C ASN A 347 1.64 -12.36 18.07
N ASP A 348 1.65 -11.06 17.79
CA ASP A 348 2.26 -10.05 18.67
C ASP A 348 1.22 -9.14 19.32
N LEU A 349 0.41 -8.49 18.50
CA LEU A 349 -0.35 -7.39 19.05
C LEU A 349 -1.56 -7.87 19.89
N ILE A 350 -2.34 -8.85 19.41
CA ILE A 350 -3.47 -9.35 20.22
C ILE A 350 -2.94 -9.90 21.55
N PRO A 351 -1.94 -10.80 21.51
CA PRO A 351 -1.33 -11.20 22.79
C PRO A 351 -0.88 -10.02 23.68
N ASN A 352 -0.27 -8.98 23.10
CA ASN A 352 0.13 -7.81 23.90
C ASN A 352 -1.08 -7.23 24.64
N ILE A 353 -2.18 -7.01 23.91
CA ILE A 353 -3.41 -6.49 24.51
C ILE A 353 -3.86 -7.38 25.65
N LEU A 354 -3.89 -8.70 25.44
CA LEU A 354 -4.34 -9.63 26.46
C LEU A 354 -3.37 -9.66 27.65
N LYS A 355 -2.07 -9.58 27.40
CA LYS A 355 -1.09 -9.52 28.52
C LYS A 355 -1.31 -8.28 29.40
N ASP A 356 -1.42 -7.13 28.77
CA ASP A 356 -1.73 -5.89 29.48
C ASP A 356 -3.04 -6.01 30.31
N ALA A 357 -4.08 -6.61 29.73
CA ALA A 357 -5.39 -6.76 30.38
C ALA A 357 -5.38 -7.77 31.54
N VAL A 358 -4.74 -8.93 31.33
CA VAL A 358 -4.48 -9.90 32.39
C VAL A 358 -3.56 -9.28 33.47
N ALA A 359 -2.68 -8.36 33.06
CA ALA A 359 -1.85 -7.63 34.02
C ALA A 359 -2.65 -6.73 34.95
N LYS A 360 -3.94 -6.50 34.66
CA LYS A 360 -4.84 -5.74 35.57
C LYS A 360 -6.17 -6.49 35.89
N ALA A 361 -6.54 -6.62 37.16
CA ALA A 361 -7.81 -7.27 37.52
C ALA A 361 -8.51 -6.59 38.67
N ASN A 370 -12.69 -6.52 33.41
CA ASN A 370 -12.09 -5.97 32.20
C ASN A 370 -12.26 -6.85 30.93
N LEU A 371 -11.53 -6.53 29.87
CA LEU A 371 -11.81 -7.14 28.56
C LEU A 371 -11.61 -8.66 28.53
N THR A 372 -10.78 -9.19 29.43
CA THR A 372 -10.59 -10.65 29.50
C THR A 372 -11.80 -11.41 30.07
N SER A 373 -12.79 -10.71 30.63
CA SER A 373 -14.04 -11.33 31.05
C SER A 373 -15.21 -10.97 30.13
N ASP A 374 -14.91 -10.31 29.00
CA ASP A 374 -15.95 -9.71 28.17
C ASP A 374 -16.21 -10.55 26.90
N PRO A 375 -17.35 -11.26 26.86
CA PRO A 375 -17.72 -12.04 25.67
C PRO A 375 -17.76 -11.25 24.40
N LYS A 376 -18.05 -9.96 24.47
CA LYS A 376 -18.08 -9.13 23.25
C LYS A 376 -16.69 -8.99 22.70
N PHE A 377 -15.72 -8.85 23.59
CA PHE A 377 -14.32 -8.71 23.15
C PHE A 377 -13.81 -10.03 22.63
N PHE A 378 -14.04 -11.09 23.38
CA PHE A 378 -13.66 -12.46 22.97
C PHE A 378 -14.25 -12.75 21.58
N ALA A 379 -15.50 -12.32 21.36
CA ALA A 379 -16.17 -12.55 20.07
C ALA A 379 -15.35 -11.92 18.97
N LEU A 380 -14.89 -10.68 19.21
CA LEU A 380 -14.20 -9.94 18.18
C LEU A 380 -12.87 -10.64 17.86
N VAL A 381 -12.18 -11.12 18.88
CA VAL A 381 -10.98 -11.88 18.62
C VAL A 381 -11.28 -13.08 17.72
N LEU A 382 -12.30 -13.88 18.04
CA LEU A 382 -12.64 -15.01 17.20
C LEU A 382 -13.01 -14.58 15.77
N GLN A 383 -13.74 -13.45 15.63
CA GLN A 383 -14.10 -12.93 14.30
C GLN A 383 -12.88 -12.51 13.45
N PHE A 384 -11.84 -12.04 14.12
CA PHE A 384 -10.60 -11.74 13.45
C PHE A 384 -10.01 -13.00 12.84
N TYR A 385 -9.88 -14.07 13.65
CA TYR A 385 -9.37 -15.33 13.11
C TYR A 385 -10.33 -15.91 12.05
N ASP A 386 -11.62 -15.70 12.25
CA ASP A 386 -12.63 -16.11 11.24
C ASP A 386 -12.28 -15.51 9.83
N GLY A 387 -11.96 -14.24 9.78
CA GLY A 387 -11.71 -13.59 8.51
C GLY A 387 -10.42 -14.12 7.86
N ILE A 388 -9.38 -14.34 8.67
CA ILE A 388 -8.17 -14.96 8.19
C ILE A 388 -8.42 -16.40 7.68
N CYS A 389 -9.26 -17.12 8.40
CA CYS A 389 -9.61 -18.47 8.01
C CYS A 389 -10.31 -18.46 6.63
N LEU A 390 -11.18 -17.48 6.40
CA LEU A 390 -11.88 -17.37 5.14
C LEU A 390 -10.89 -17.09 4.01
N TRP A 391 -9.93 -16.21 4.27
CA TRP A 391 -8.87 -15.87 3.31
C TRP A 391 -8.12 -17.12 2.82
N GLU A 392 -7.78 -17.99 3.75
CA GLU A 392 -7.06 -19.22 3.51
C GLU A 392 -7.92 -20.32 2.85
N GLU A 393 -9.26 -20.23 2.91
CA GLU A 393 -10.14 -21.32 2.42
C GLU A 393 -9.86 -21.73 0.98
N GLY A 394 -9.54 -23.02 0.83
CA GLY A 394 -9.25 -23.64 -0.46
C GLY A 394 -7.88 -23.38 -1.05
N SER A 395 -7.04 -22.60 -0.36
CA SER A 395 -5.73 -22.26 -0.89
C SER A 395 -4.83 -23.45 -0.84
N PRO A 396 -3.95 -23.59 -1.82
CA PRO A 396 -2.99 -24.70 -1.77
C PRO A 396 -2.06 -24.49 -0.60
N THR A 397 -1.66 -23.25 -0.35
CA THR A 397 -0.70 -22.95 0.69
C THR A 397 -1.47 -22.39 1.87
N PRO A 398 -1.18 -22.88 3.09
CA PRO A 398 -1.94 -22.38 4.24
C PRO A 398 -1.44 -21.02 4.76
N VAL A 399 -2.30 -20.30 5.48
CA VAL A 399 -1.92 -19.09 6.25
C VAL A 399 -1.61 -19.46 7.72
N LEU A 400 -2.56 -20.14 8.35
CA LEU A 400 -2.45 -20.48 9.78
C LEU A 400 -1.54 -21.66 9.96
N HIS A 401 -0.29 -21.39 10.23
CA HIS A 401 0.65 -22.43 10.60
C HIS A 401 0.65 -22.75 12.13
N ALA A 402 1.46 -23.70 12.54
CA ALA A 402 1.50 -24.20 13.93
C ALA A 402 1.72 -23.05 14.91
N ASP A 403 2.53 -22.07 14.52
CA ASP A 403 2.83 -20.91 15.40
C ASP A 403 1.61 -19.98 15.63
N TRP A 404 0.83 -19.73 14.59
CA TRP A 404 -0.41 -19.01 14.73
C TRP A 404 -1.39 -19.76 15.66
N ALA A 405 -1.54 -21.07 15.42
CA ALA A 405 -2.33 -21.98 16.29
C ALA A 405 -1.97 -21.90 17.79
N LYS A 406 -0.67 -21.98 18.06
CA LYS A 406 -0.17 -21.90 19.44
C LYS A 406 -0.66 -20.63 20.10
N LYS A 407 -0.40 -19.52 19.40
CA LYS A 407 -0.75 -18.23 19.89
C LYS A 407 -2.25 -18.10 20.06
N LEU A 408 -3.05 -18.56 19.09
CA LEU A 408 -4.53 -18.47 19.26
C LEU A 408 -4.99 -19.21 20.50
N VAL A 409 -4.46 -20.41 20.76
CA VAL A 409 -4.91 -21.20 21.92
C VAL A 409 -4.45 -20.53 23.24
N GLN A 410 -3.25 -19.95 23.26
CA GLN A 410 -2.78 -19.16 24.43
C GLN A 410 -3.68 -17.97 24.68
N SER A 411 -4.00 -17.26 23.60
CA SER A 411 -4.90 -16.12 23.72
C SER A 411 -6.28 -16.50 24.28
N ILE A 412 -6.86 -17.57 23.73
CA ILE A 412 -8.16 -18.02 24.17
C ILE A 412 -8.11 -18.35 25.65
N GLY A 413 -6.98 -18.90 26.09
CA GLY A 413 -6.80 -19.31 27.47
C GLY A 413 -6.74 -18.18 28.47
N LYS A 414 -6.38 -16.98 28.02
CA LYS A 414 -6.35 -15.81 28.88
C LYS A 414 -7.74 -15.25 29.21
N PHE A 415 -8.78 -15.72 28.52
CA PHE A 415 -10.17 -15.27 28.80
C PHE A 415 -10.80 -16.08 29.92
N ALA A 416 -11.77 -15.53 30.63
CA ALA A 416 -12.41 -16.29 31.72
C ALA A 416 -13.11 -17.51 31.12
N PRO A 417 -13.11 -18.63 31.85
CA PRO A 417 -13.95 -19.74 31.42
C PRO A 417 -15.45 -19.33 31.20
N GLU A 418 -16.01 -18.57 32.14
CA GLU A 418 -17.42 -18.11 32.05
C GLU A 418 -17.63 -17.15 30.88
N CYS A 419 -16.58 -16.46 30.48
CA CYS A 419 -16.62 -15.60 29.31
C CYS A 419 -16.79 -16.40 28.03
N ARG A 420 -15.97 -17.43 27.89
CA ARG A 420 -16.02 -18.34 26.75
C ARG A 420 -17.36 -19.07 26.65
N SER A 421 -17.81 -19.62 27.78
CA SER A 421 -19.06 -20.34 27.75
C SER A 421 -20.21 -19.36 27.46
N ALA A 422 -20.06 -18.10 27.86
CA ALA A 422 -21.12 -17.13 27.60
C ALA A 422 -21.18 -16.88 26.09
N PHE A 423 -20.02 -16.83 25.45
CA PHE A 423 -19.93 -16.67 23.99
C PHE A 423 -20.68 -17.79 23.23
N ASN A 424 -20.51 -19.03 23.68
CA ASN A 424 -21.23 -20.16 23.11
C ASN A 424 -22.77 -20.10 23.27
N ALA A 425 -23.23 -19.41 24.31
CA ALA A 425 -24.67 -19.31 24.63
C ALA A 425 -25.33 -18.09 24.00
N ASN A 426 -24.56 -17.24 23.35
CA ASN A 426 -25.13 -16.04 22.76
C ASN A 426 -25.08 -16.00 21.23
N THR A 427 -25.77 -15.01 20.72
CA THR A 427 -25.94 -14.75 19.29
C THR A 427 -24.62 -14.70 18.53
N ASP A 428 -23.59 -14.10 19.13
CA ASP A 428 -22.28 -13.98 18.47
C ASP A 428 -21.68 -15.35 18.08
N THR A 429 -22.11 -16.42 18.76
CA THR A 429 -21.78 -17.83 18.38
C THR A 429 -22.06 -18.20 16.88
N LEU A 430 -23.23 -17.80 16.38
CA LEU A 430 -23.67 -18.15 15.03
C LEU A 430 -23.04 -17.22 13.97
N SER A 431 -22.27 -16.21 14.40
CA SER A 431 -21.71 -15.16 13.54
C SER A 431 -20.49 -15.62 12.75
N LEU A 432 -19.76 -16.62 13.27
CA LEU A 432 -18.55 -17.17 12.63
C LEU A 432 -18.92 -17.81 11.31
N ARG A 433 -18.12 -17.49 10.30
CA ARG A 433 -18.42 -17.84 8.92
C ARG A 433 -17.53 -18.91 8.32
N SER A 434 -16.32 -19.07 8.83
CA SER A 434 -15.38 -20.02 8.27
C SER A 434 -15.66 -21.40 8.84
N ALA A 435 -15.38 -22.44 8.05
CA ALA A 435 -15.60 -23.81 8.52
C ALA A 435 -14.64 -24.09 9.69
N LYS A 436 -13.42 -23.58 9.58
CA LYS A 436 -12.43 -23.82 10.61
C LYS A 436 -12.85 -23.22 11.95
N MET A 437 -13.30 -21.97 11.97
CA MET A 437 -13.69 -21.36 13.25
C MET A 437 -15.00 -21.95 13.78
N ARG A 438 -15.91 -22.32 12.89
CA ARG A 438 -17.14 -22.95 13.36
C ARG A 438 -16.82 -24.31 14.00
N GLU A 439 -15.90 -25.06 13.41
CA GLU A 439 -15.45 -26.33 14.01
C GLU A 439 -14.70 -26.08 15.32
N MET A 440 -13.95 -24.99 15.39
CA MET A 440 -13.23 -24.62 16.62
C MET A 440 -14.10 -24.25 17.83
N LYS A 441 -15.20 -23.52 17.61
CA LYS A 441 -15.96 -22.97 18.72
C LYS A 441 -16.60 -24.11 19.47
N ASN A 442 -16.89 -25.19 18.74
CA ASN A 442 -17.48 -26.39 19.29
C ASN A 442 -16.52 -27.18 20.17
N LEU A 443 -15.22 -26.89 20.09
CA LEU A 443 -14.27 -27.30 21.12
C LEU A 443 -14.18 -26.25 22.24
N ILE A 444 -15.33 -25.95 22.87
CA ILE A 444 -15.41 -25.02 24.03
C ILE A 444 -16.43 -25.53 25.05
N THR A 445 -16.00 -25.61 26.32
CA THR A 445 -16.90 -25.94 27.43
C THR A 445 -16.38 -25.30 28.73
N ASN A 451 -7.83 -30.90 24.26
CA ASN A 451 -8.32 -29.53 24.48
C ASN A 451 -7.46 -28.57 23.71
N THR A 452 -6.33 -28.17 24.27
CA THR A 452 -5.42 -27.29 23.53
C THR A 452 -4.87 -28.04 22.32
N SER A 453 -4.48 -29.29 22.54
CA SER A 453 -3.90 -30.10 21.48
C SER A 453 -4.84 -30.33 20.31
N ALA A 454 -6.12 -30.60 20.60
CA ALA A 454 -7.14 -30.78 19.57
C ALA A 454 -7.41 -29.45 18.83
N MET A 455 -7.53 -28.35 19.58
CA MET A 455 -7.63 -27.02 18.96
C MET A 455 -6.45 -26.68 18.04
N LYS A 456 -5.21 -26.87 18.51
CA LYS A 456 -4.04 -26.61 17.68
C LYS A 456 -4.06 -27.37 16.35
N LEU A 457 -4.41 -28.66 16.43
CA LEU A 457 -4.53 -29.53 15.26
C LEU A 457 -5.61 -29.06 14.28
N GLN A 458 -6.75 -28.66 14.83
CA GLN A 458 -7.87 -28.17 14.03
C GLN A 458 -7.56 -26.88 13.24
N LEU A 459 -6.76 -26.01 13.83
CA LEU A 459 -6.45 -24.68 13.29
C LEU A 459 -5.51 -24.75 12.09
N THR A 460 -4.70 -25.80 12.07
CA THR A 460 -3.74 -26.03 11.00
C THR A 460 -4.18 -27.16 10.06
N ALA A 461 -5.41 -27.64 10.19
CA ALA A 461 -5.99 -28.58 9.22
C ALA A 461 -6.39 -27.84 7.94
#